data_1W3V
#
_entry.id   1W3V
#
_cell.length_a   46.994
_cell.length_b   71.030
_cell.length_c   100.916
_cell.angle_alpha   90.00
_cell.angle_beta   90.00
_cell.angle_gamma   90.00
#
_symmetry.space_group_name_H-M   'P 21 21 21'
#
loop_
_entity.id
_entity.type
_entity.pdbx_description
1 polymer 'ISOPENICILLIN N SYNTHETASE'
2 non-polymer 'FE (II) ION'
3 non-polymer 'N~6~-METHYL-6-OXO-L-LYSINE - 2-[(3-MERCAPTOBUTANOYL)OXY]-3-METHYLBUTANOIC ACID'
4 water water
#
_entity_poly.entity_id   1
_entity_poly.type   'polypeptide(L)'
_entity_poly.pdbx_seq_one_letter_code
;MGSVSKANVPKIDVSPLFGDDQAAKMRVAQQIDAASRDTGFFYAVNHGINVQRLSQKTKEFHMSITPEEKWDLAIRAYNK
EHQDQVRAGYYLSIPGKKAVESFCYLNPNFTPDHPRIQAKTPTHEVNVWPDETKHPGFQDFAEQYYWDVFGLSSALLKGY
ALALGKEENFFARHFKPDDTLASVVLIRYPYLDPYPEAAIKTAADGTKLSFEWHEDVSLITVLYQSNVQNLQVETAAGYQ
DIEADDTGYLINCGSYMAHLTNNYYKAPIHRVKWVNAERQSLPFFVNLGYDSVIDPFDPREPNGKSDREPLSYGDYLQNG
LVSLINKNGQT
;
_entity_poly.pdbx_strand_id   A
#
# COMPACT_ATOMS: atom_id res chain seq x y z
N SER A 3 -23.24 -18.22 1.02
CA SER A 3 -21.82 -17.92 1.37
C SER A 3 -21.12 -17.25 0.19
N VAL A 4 -20.02 -16.58 0.50
CA VAL A 4 -19.11 -16.03 -0.49
C VAL A 4 -18.00 -17.01 -0.94
N SER A 5 -17.74 -17.07 -2.25
CA SER A 5 -16.66 -17.89 -2.83
C SER A 5 -15.27 -17.31 -2.51
N LYS A 6 -14.25 -18.17 -2.42
CA LYS A 6 -12.88 -17.72 -2.16
C LYS A 6 -12.20 -17.29 -3.46
N ALA A 7 -11.52 -16.15 -3.42
CA ALA A 7 -10.80 -15.65 -4.57
C ALA A 7 -9.57 -16.49 -4.85
N ASN A 8 -9.25 -16.59 -6.14
CA ASN A 8 -8.02 -17.26 -6.51
C ASN A 8 -6.87 -16.31 -6.29
N VAL A 9 -6.08 -16.58 -5.26
CA VAL A 9 -4.96 -15.73 -4.93
C VAL A 9 -3.76 -16.67 -4.72
N PRO A 10 -3.00 -16.88 -5.77
CA PRO A 10 -1.90 -17.84 -5.69
C PRO A 10 -0.74 -17.38 -4.81
N LYS A 11 0.01 -18.32 -4.27
CA LYS A 11 1.21 -18.04 -3.53
C LYS A 11 2.35 -18.16 -4.53
N ILE A 12 3.16 -17.13 -4.72
CA ILE A 12 4.24 -17.12 -5.67
C ILE A 12 5.55 -16.95 -4.87
N ASP A 13 6.48 -17.88 -5.07
CA ASP A 13 7.80 -17.83 -4.50
C ASP A 13 8.56 -16.80 -5.31
N VAL A 14 8.82 -15.63 -4.71
CA VAL A 14 9.47 -14.53 -5.41
C VAL A 14 10.97 -14.53 -5.21
N SER A 15 11.50 -15.51 -4.49
CA SER A 15 12.94 -15.48 -4.23
C SER A 15 13.85 -15.40 -5.48
N PRO A 16 13.49 -15.99 -6.62
CA PRO A 16 14.36 -15.82 -7.78
C PRO A 16 14.54 -14.37 -8.23
N LEU A 17 13.61 -13.48 -7.89
CA LEU A 17 13.73 -12.11 -8.33
C LEU A 17 14.83 -11.35 -7.64
N PHE A 18 15.41 -11.96 -6.60
CA PHE A 18 16.52 -11.33 -5.90
C PHE A 18 17.87 -11.81 -6.45
N GLY A 19 17.84 -12.74 -7.40
CA GLY A 19 19.07 -13.39 -7.89
C GLY A 19 19.36 -13.12 -9.36
N ASP A 20 20.20 -13.98 -9.94
CA ASP A 20 20.67 -13.81 -11.32
C ASP A 20 20.37 -14.99 -12.23
N ASP A 21 19.40 -15.82 -11.85
CA ASP A 21 18.95 -16.92 -12.68
C ASP A 21 17.82 -16.33 -13.55
N GLN A 22 18.17 -15.84 -14.73
CA GLN A 22 17.21 -15.17 -15.58
C GLN A 22 16.00 -16.04 -15.98
N ALA A 23 16.20 -17.31 -16.32
CA ALA A 23 15.07 -18.17 -16.66
C ALA A 23 14.12 -18.34 -15.48
N ALA A 24 14.68 -18.51 -14.28
CA ALA A 24 13.86 -18.68 -13.10
C ALA A 24 13.03 -17.41 -12.84
N LYS A 25 13.63 -16.27 -13.11
CA LYS A 25 12.91 -15.02 -13.00
C LYS A 25 11.75 -14.98 -14.00
N MET A 26 11.95 -15.44 -15.24
CA MET A 26 10.83 -15.50 -16.20
C MET A 26 9.70 -16.39 -15.74
N ARG A 27 10.03 -17.50 -15.08
CA ARG A 27 8.97 -18.35 -14.58
C ARG A 27 8.18 -17.66 -13.46
N VAL A 28 8.83 -16.83 -12.65
CA VAL A 28 8.10 -16.02 -11.67
C VAL A 28 7.24 -14.97 -12.38
N ALA A 29 7.84 -14.29 -13.36
CA ALA A 29 7.11 -13.27 -14.12
C ALA A 29 5.83 -13.84 -14.73
N GLN A 30 5.89 -15.10 -15.24
CA GLN A 30 4.68 -15.69 -15.79
C GLN A 30 3.57 -15.81 -14.74
N GLN A 31 3.95 -16.21 -13.53
CA GLN A 31 2.99 -16.35 -12.45
C GLN A 31 2.38 -14.99 -12.07
N ILE A 32 3.21 -13.95 -12.07
CA ILE A 32 2.72 -12.59 -11.80
C ILE A 32 1.77 -12.19 -12.90
N ASP A 33 2.14 -12.46 -14.15
CA ASP A 33 1.27 -12.15 -15.28
C ASP A 33 -0.10 -12.82 -15.13
N ALA A 34 -0.09 -14.11 -14.82
CA ALA A 34 -1.34 -14.85 -14.69
C ALA A 34 -2.20 -14.28 -13.57
N ALA A 35 -1.59 -13.96 -12.45
CA ALA A 35 -2.39 -13.47 -11.32
C ALA A 35 -2.96 -12.10 -11.62
N SER A 36 -2.17 -11.28 -12.32
CA SER A 36 -2.53 -9.91 -12.65
C SER A 36 -3.69 -9.88 -13.63
N ARG A 37 -3.78 -10.93 -14.46
CA ARG A 37 -4.84 -11.02 -15.46
C ARG A 37 -6.07 -11.75 -14.94
N ASP A 38 -5.97 -12.39 -13.78
CA ASP A 38 -7.08 -13.12 -13.16
C ASP A 38 -7.72 -12.20 -12.10
N THR A 39 -7.56 -12.47 -10.82
CA THR A 39 -8.22 -11.62 -9.81
C THR A 39 -7.47 -10.34 -9.56
N GLY A 40 -6.18 -10.28 -9.91
CA GLY A 40 -5.37 -9.11 -9.64
C GLY A 40 -4.61 -9.17 -8.34
N PHE A 41 -4.66 -10.28 -7.63
CA PHE A 41 -3.97 -10.44 -6.34
C PHE A 41 -3.14 -11.70 -6.30
N PHE A 42 -1.99 -11.62 -5.64
CA PHE A 42 -1.22 -12.80 -5.31
C PHE A 42 -0.52 -12.60 -3.98
N TYR A 43 -0.12 -13.67 -3.31
CA TYR A 43 0.75 -13.59 -2.16
C TYR A 43 2.18 -13.84 -2.58
N ALA A 44 3.05 -12.93 -2.24
CA ALA A 44 4.49 -13.14 -2.38
C ALA A 44 4.97 -13.89 -1.17
N VAL A 45 5.59 -15.04 -1.40
CA VAL A 45 6.16 -15.85 -0.33
C VAL A 45 7.66 -16.01 -0.56
N ASN A 46 8.41 -16.43 0.46
CA ASN A 46 9.85 -16.54 0.42
C ASN A 46 10.45 -15.17 0.10
N HIS A 47 9.88 -14.13 0.71
CA HIS A 47 10.25 -12.73 0.49
C HIS A 47 11.39 -12.21 1.35
N GLY A 48 11.76 -12.98 2.37
CA GLY A 48 12.89 -12.65 3.19
C GLY A 48 12.69 -11.63 4.30
N ILE A 49 11.50 -11.10 4.49
CA ILE A 49 11.27 -10.12 5.53
C ILE A 49 10.71 -10.79 6.78
N ASN A 50 11.19 -10.35 7.93
CA ASN A 50 10.73 -10.87 9.23
C ASN A 50 9.43 -10.16 9.61
N VAL A 51 8.32 -10.69 9.10
CA VAL A 51 7.00 -10.09 9.34
C VAL A 51 6.49 -10.28 10.74
N GLN A 52 6.91 -11.36 11.41
CA GLN A 52 6.50 -11.55 12.79
C GLN A 52 7.07 -10.40 13.64
N ARG A 53 8.31 -10.01 13.35
CA ARG A 53 8.92 -8.96 14.13
C ARG A 53 8.25 -7.63 13.79
N LEU A 54 7.98 -7.40 12.52
CA LEU A 54 7.22 -6.23 12.10
C LEU A 54 5.92 -6.15 12.88
N SER A 55 5.20 -7.26 12.97
CA SER A 55 3.94 -7.25 13.67
C SER A 55 4.12 -6.96 15.15
N GLN A 56 5.14 -7.51 15.77
CA GLN A 56 5.39 -7.30 17.18
C GLN A 56 5.74 -5.87 17.48
N LYS A 57 6.65 -5.30 16.71
CA LYS A 57 7.07 -3.92 16.93
C LYS A 57 5.90 -2.97 16.69
N THR A 58 5.09 -3.24 15.68
CA THR A 58 3.93 -2.39 15.39
C THR A 58 2.92 -2.50 16.54
N LYS A 59 2.66 -3.70 17.05
CA LYS A 59 1.77 -3.86 18.19
C LYS A 59 2.27 -3.07 19.38
N GLU A 60 3.55 -3.13 19.66
CA GLU A 60 4.08 -2.44 20.84
C GLU A 60 3.79 -0.96 20.67
N PHE A 61 3.99 -0.40 19.48
CA PHE A 61 3.72 1.02 19.23
C PHE A 61 2.23 1.36 19.37
N HIS A 62 1.36 0.66 18.65
CA HIS A 62 -0.08 0.95 18.68
C HIS A 62 -0.64 0.84 20.09
N MET A 63 -0.15 -0.12 20.88
CA MET A 63 -0.75 -0.35 22.19
C MET A 63 -0.18 0.54 23.25
N SER A 64 0.95 1.20 23.00
CA SER A 64 1.55 2.08 24.00
C SER A 64 1.40 3.56 23.75
N ILE A 65 1.12 3.98 22.52
CA ILE A 65 0.97 5.40 22.25
C ILE A 65 -0.27 5.96 22.98
N THR A 66 -0.09 7.15 23.53
CA THR A 66 -1.14 7.77 24.33
C THR A 66 -1.85 8.87 23.56
N PRO A 67 -3.03 9.25 24.02
CA PRO A 67 -3.75 10.33 23.37
C PRO A 67 -2.96 11.60 23.17
N GLU A 68 -2.17 11.95 24.17
CA GLU A 68 -1.34 13.12 24.10
C GLU A 68 -0.41 13.06 22.90
N GLU A 69 0.27 11.92 22.75
CA GLU A 69 1.18 11.72 21.65
C GLU A 69 0.51 11.74 20.28
N LYS A 70 -0.68 11.17 20.21
CA LYS A 70 -1.43 11.18 18.97
C LYS A 70 -1.72 12.60 18.51
N TRP A 71 -2.15 13.49 19.42
CA TRP A 71 -2.35 14.88 19.02
C TRP A 71 -1.06 15.52 18.53
N ASP A 72 0.02 15.21 19.23
CA ASP A 72 1.30 15.84 18.89
C ASP A 72 1.84 15.38 17.54
N LEU A 73 1.42 14.20 17.09
CA LEU A 73 1.81 13.66 15.80
C LEU A 73 0.75 13.76 14.72
N ALA A 74 -0.41 14.32 15.04
CA ALA A 74 -1.53 14.27 14.14
C ALA A 74 -1.37 14.99 12.83
N ILE A 75 -1.90 14.42 11.75
CA ILE A 75 -1.98 15.14 10.47
C ILE A 75 -2.98 16.31 10.58
N ARG A 76 -2.94 17.19 9.60
CA ARG A 76 -3.74 18.41 9.57
C ARG A 76 -5.23 18.17 9.66
N ALA A 77 -5.69 17.03 9.20
CA ALA A 77 -7.12 16.74 9.25
C ALA A 77 -7.63 16.68 10.69
N TYR A 78 -6.74 16.35 11.62
CA TYR A 78 -7.07 16.25 13.06
C TYR A 78 -6.48 17.38 13.88
N ASN A 79 -5.49 18.11 13.38
CA ASN A 79 -4.81 19.12 14.19
C ASN A 79 -4.44 20.25 13.26
N LYS A 80 -5.16 21.36 13.40
CA LYS A 80 -4.95 22.51 12.52
C LYS A 80 -3.58 23.17 12.66
N GLU A 81 -2.88 22.89 13.74
CA GLU A 81 -1.55 23.45 13.96
C GLU A 81 -0.53 22.82 13.01
N HIS A 82 -0.83 21.66 12.45
CA HIS A 82 0.15 20.92 11.65
C HIS A 82 -0.14 21.02 10.17
N GLN A 83 -0.10 22.24 9.64
CA GLN A 83 -0.46 22.46 8.28
C GLN A 83 0.47 21.78 7.27
N ASP A 84 1.70 21.47 7.65
CA ASP A 84 2.62 20.77 6.73
C ASP A 84 2.38 19.27 6.68
N GLN A 85 1.57 18.72 7.57
CA GLN A 85 1.31 17.28 7.64
C GLN A 85 0.03 16.88 6.93
N VAL A 86 0.12 16.62 5.64
CA VAL A 86 -0.98 16.16 4.86
C VAL A 86 -0.97 14.65 4.80
N ARG A 87 0.23 14.07 4.69
CA ARG A 87 0.42 12.62 4.52
C ARG A 87 0.97 11.94 5.77
N ALA A 88 2.06 12.46 6.32
CA ALA A 88 2.82 11.78 7.36
C ALA A 88 2.35 12.18 8.73
N GLY A 89 2.16 11.20 9.59
CA GLY A 89 1.79 11.41 10.97
C GLY A 89 0.66 10.49 11.38
N TYR A 90 0.02 10.87 12.48
CA TYR A 90 -1.02 10.03 13.10
C TYR A 90 -2.41 10.40 12.62
N TYR A 91 -3.21 9.39 12.38
CA TYR A 91 -4.59 9.50 11.88
C TYR A 91 -5.40 8.91 13.03
N LEU A 92 -6.09 9.78 13.76
CA LEU A 92 -6.77 9.39 15.00
C LEU A 92 -8.11 8.68 14.78
N SER A 93 -8.39 7.78 15.70
CA SER A 93 -9.73 7.20 15.80
C SER A 93 -10.63 8.22 16.47
N ILE A 94 -11.92 7.99 16.35
CA ILE A 94 -12.93 8.86 17.01
C ILE A 94 -13.82 7.91 17.78
N PRO A 95 -13.58 7.67 19.07
CA PRO A 95 -14.34 6.66 19.80
C PRO A 95 -15.82 6.91 19.65
N GLY A 96 -16.57 5.82 19.45
CA GLY A 96 -18.01 5.92 19.22
C GLY A 96 -18.40 6.25 17.79
N LYS A 97 -17.42 6.62 16.94
CA LYS A 97 -17.70 6.98 15.56
C LYS A 97 -16.79 6.32 14.49
N LYS A 98 -15.49 6.29 14.75
CA LYS A 98 -14.50 5.81 13.78
C LYS A 98 -13.53 4.93 14.55
N ALA A 99 -13.43 3.67 14.13
CA ALA A 99 -12.64 2.68 14.84
C ALA A 99 -11.16 2.70 14.47
N VAL A 100 -10.92 2.78 13.18
CA VAL A 100 -9.57 2.68 12.67
C VAL A 100 -8.67 3.86 13.08
N GLU A 101 -7.41 3.57 13.26
CA GLU A 101 -6.40 4.60 13.49
C GLU A 101 -5.09 4.14 12.85
N SER A 102 -4.21 5.08 12.48
CA SER A 102 -3.02 4.66 11.79
C SER A 102 -1.93 5.68 11.90
N PHE A 103 -0.72 5.25 11.54
CA PHE A 103 0.46 6.10 11.48
C PHE A 103 1.14 5.93 10.16
N CYS A 104 1.35 7.02 9.44
CA CYS A 104 1.93 6.99 8.11
C CYS A 104 3.29 7.66 8.13
N TYR A 105 4.25 7.07 7.46
CA TYR A 105 5.55 7.69 7.25
C TYR A 105 6.02 7.47 5.82
N LEU A 106 6.86 8.40 5.36
CA LEU A 106 7.38 8.45 4.04
C LEU A 106 8.89 8.14 4.01
N ASN A 107 9.47 8.36 2.85
CA ASN A 107 10.90 8.14 2.64
C ASN A 107 11.72 8.79 3.74
N PRO A 108 12.51 8.02 4.48
CA PRO A 108 13.39 8.63 5.49
C PRO A 108 14.39 9.62 4.92
N ASN A 109 14.69 9.56 3.63
CA ASN A 109 15.60 10.52 3.00
C ASN A 109 14.96 11.89 2.80
N PHE A 110 13.65 12.03 3.03
CA PHE A 110 13.02 13.35 3.00
C PHE A 110 13.34 14.10 4.29
N THR A 111 14.55 14.65 4.35
CA THR A 111 15.03 15.43 5.47
C THR A 111 14.84 16.90 5.17
N PRO A 112 15.03 17.75 6.19
CA PRO A 112 14.87 19.19 5.96
C PRO A 112 15.72 19.76 4.83
N ASP A 113 16.86 19.15 4.55
CA ASP A 113 17.76 19.63 3.48
C ASP A 113 17.52 18.99 2.12
N HIS A 114 16.56 18.09 2.02
CA HIS A 114 16.30 17.45 0.73
C HIS A 114 15.78 18.50 -0.25
N PRO A 115 16.22 18.49 -1.51
CA PRO A 115 15.80 19.52 -2.46
C PRO A 115 14.28 19.66 -2.65
N ARG A 116 13.54 18.57 -2.54
CA ARG A 116 12.08 18.63 -2.73
C ARG A 116 11.41 19.19 -1.50
N ILE A 117 11.98 18.98 -0.33
CA ILE A 117 11.48 19.57 0.92
C ILE A 117 11.78 21.08 0.89
N GLN A 118 12.99 21.43 0.50
CA GLN A 118 13.36 22.86 0.40
C GLN A 118 12.43 23.55 -0.55
N ALA A 119 12.09 22.91 -1.66
CA ALA A 119 11.21 23.52 -2.67
C ALA A 119 9.73 23.51 -2.29
N LYS A 120 9.40 22.76 -1.24
CA LYS A 120 8.01 22.61 -0.79
C LYS A 120 7.16 21.95 -1.84
N THR A 121 7.73 20.98 -2.54
CA THR A 121 7.00 20.28 -3.57
C THR A 121 5.87 19.44 -2.96
N PRO A 122 4.67 19.54 -3.50
CA PRO A 122 3.56 18.73 -3.00
C PRO A 122 3.92 17.24 -2.91
N THR A 123 3.34 16.63 -1.91
CA THR A 123 3.46 15.19 -1.54
C THR A 123 4.75 14.81 -0.83
N HIS A 124 5.69 15.75 -0.71
CA HIS A 124 6.90 15.50 0.05
C HIS A 124 6.81 16.13 1.43
N GLU A 125 7.12 15.38 2.46
CA GLU A 125 7.12 15.90 3.82
C GLU A 125 8.22 15.19 4.58
N VAL A 126 8.66 15.81 5.66
CA VAL A 126 9.58 15.25 6.64
C VAL A 126 8.77 14.47 7.66
N ASN A 127 9.14 13.21 7.89
CA ASN A 127 8.42 12.39 8.82
C ASN A 127 8.45 12.97 10.21
N VAL A 128 7.41 12.64 10.95
CA VAL A 128 7.31 12.98 12.36
C VAL A 128 7.34 11.66 13.15
N TRP A 129 7.95 11.66 14.33
CA TRP A 129 8.16 10.48 15.15
C TRP A 129 7.85 10.74 16.60
N PRO A 130 7.40 9.71 17.31
CA PRO A 130 7.18 9.87 18.75
C PRO A 130 8.50 10.05 19.47
N ASP A 131 8.40 10.38 20.74
CA ASP A 131 9.57 10.56 21.58
C ASP A 131 10.33 9.24 21.71
N GLU A 132 11.64 9.28 21.46
CA GLU A 132 12.44 8.07 21.52
C GLU A 132 12.38 7.42 22.90
N THR A 133 12.30 8.20 23.98
CA THR A 133 12.27 7.61 25.32
C THR A 133 10.98 6.84 25.62
N LYS A 134 9.89 7.27 25.03
CA LYS A 134 8.61 6.60 25.19
C LYS A 134 8.46 5.40 24.27
N HIS A 135 9.14 5.45 23.12
CA HIS A 135 9.08 4.35 22.14
C HIS A 135 10.47 3.93 21.71
N PRO A 136 11.25 3.38 22.61
CA PRO A 136 12.65 3.07 22.30
C PRO A 136 12.78 2.17 21.10
N GLY A 137 13.66 2.54 20.17
CA GLY A 137 13.93 1.73 18.99
C GLY A 137 12.89 1.79 17.90
N PHE A 138 11.74 2.43 18.13
CA PHE A 138 10.67 2.43 17.12
C PHE A 138 11.08 3.12 15.82
N GLN A 139 11.54 4.35 15.88
CA GLN A 139 11.91 5.06 14.68
C GLN A 139 12.95 4.26 13.89
N ASP A 140 13.97 3.75 14.56
CA ASP A 140 15.01 3.01 13.87
C ASP A 140 14.43 1.75 13.24
N PHE A 141 13.56 1.03 13.94
CA PHE A 141 12.96 -0.14 13.40
C PHE A 141 12.16 0.23 12.15
N ALA A 142 11.36 1.28 12.25
CA ALA A 142 10.45 1.66 11.18
C ALA A 142 11.20 2.10 9.95
N GLU A 143 12.29 2.86 10.11
CA GLU A 143 13.05 3.29 8.96
C GLU A 143 13.72 2.12 8.26
N GLN A 144 14.22 1.17 9.06
CA GLN A 144 14.83 -0.03 8.49
C GLN A 144 13.76 -0.87 7.77
N TYR A 145 12.55 -0.92 8.32
CA TYR A 145 11.47 -1.64 7.65
C TYR A 145 11.19 -1.03 6.29
N TYR A 146 11.19 0.28 6.22
CA TYR A 146 10.97 0.98 4.95
C TYR A 146 11.95 0.44 3.92
N TRP A 147 13.25 0.35 4.29
CA TRP A 147 14.24 -0.12 3.34
C TRP A 147 14.12 -1.63 3.05
N ASP A 148 13.69 -2.41 4.01
CA ASP A 148 13.50 -3.86 3.77
C ASP A 148 12.35 -4.04 2.76
N VAL A 149 11.24 -3.34 2.93
CA VAL A 149 10.09 -3.51 2.03
C VAL A 149 10.36 -2.81 0.69
N PHE A 150 11.14 -1.73 0.68
CA PHE A 150 11.60 -1.15 -0.57
C PHE A 150 12.37 -2.19 -1.39
N GLY A 151 13.23 -2.93 -0.74
CA GLY A 151 14.01 -3.98 -1.41
C GLY A 151 13.12 -5.04 -2.01
N LEU A 152 12.14 -5.53 -1.27
CA LEU A 152 11.18 -6.51 -1.78
C LEU A 152 10.43 -5.92 -2.96
N SER A 153 10.02 -4.67 -2.83
CA SER A 153 9.25 -4.01 -3.86
C SER A 153 10.05 -3.86 -5.14
N SER A 154 11.33 -3.55 -5.02
CA SER A 154 12.18 -3.42 -6.22
C SER A 154 12.26 -4.76 -6.92
N ALA A 155 12.39 -5.83 -6.18
CA ALA A 155 12.39 -7.20 -6.74
C ALA A 155 11.05 -7.48 -7.43
N LEU A 156 9.93 -7.17 -6.80
CA LEU A 156 8.63 -7.39 -7.40
C LEU A 156 8.49 -6.61 -8.70
N LEU A 157 8.97 -5.37 -8.71
CA LEU A 157 8.89 -4.54 -9.92
C LEU A 157 9.69 -5.14 -11.06
N LYS A 158 10.78 -5.86 -10.79
CA LYS A 158 11.52 -6.54 -11.83
C LYS A 158 10.64 -7.62 -12.41
N GLY A 159 9.91 -8.33 -11.57
CA GLY A 159 9.00 -9.37 -12.03
C GLY A 159 7.87 -8.81 -12.88
N TYR A 160 7.26 -7.70 -12.48
CA TYR A 160 6.18 -7.09 -13.28
C TYR A 160 6.71 -6.63 -14.63
N ALA A 161 7.90 -6.04 -14.67
CA ALA A 161 8.51 -5.60 -15.91
C ALA A 161 8.70 -6.79 -16.87
N LEU A 162 9.28 -7.87 -16.39
CA LEU A 162 9.49 -9.08 -17.21
C LEU A 162 8.16 -9.63 -17.67
N ALA A 163 7.17 -9.60 -16.80
CA ALA A 163 5.83 -10.11 -17.13
C ALA A 163 5.21 -9.36 -18.30
N LEU A 164 5.52 -8.08 -18.41
CA LEU A 164 4.94 -7.23 -19.45
C LEU A 164 5.80 -7.21 -20.72
N GLY A 165 6.87 -8.00 -20.76
CA GLY A 165 7.73 -8.04 -21.94
C GLY A 165 8.79 -6.97 -21.98
N LYS A 166 9.09 -6.36 -20.84
CA LYS A 166 10.05 -5.27 -20.75
C LYS A 166 11.34 -5.77 -20.07
N GLU A 167 12.42 -4.99 -20.13
CA GLU A 167 13.65 -5.30 -19.42
C GLU A 167 13.36 -5.10 -17.92
N GLU A 168 14.10 -5.81 -17.07
CA GLU A 168 13.71 -5.87 -15.65
C GLU A 168 13.78 -4.55 -14.92
N ASN A 169 14.52 -3.56 -15.41
CA ASN A 169 14.59 -2.26 -14.72
C ASN A 169 13.55 -1.24 -15.22
N PHE A 170 12.58 -1.68 -16.02
CA PHE A 170 11.60 -0.78 -16.63
C PHE A 170 10.87 0.09 -15.62
N PHE A 171 10.42 -0.51 -14.53
CA PHE A 171 9.77 0.25 -13.45
C PHE A 171 10.81 0.64 -12.41
N ALA A 172 11.71 -0.27 -12.05
CA ALA A 172 12.61 -0.06 -10.93
C ALA A 172 13.56 1.11 -11.11
N ARG A 173 13.88 1.48 -12.34
CA ARG A 173 14.77 2.60 -12.58
C ARG A 173 14.11 3.89 -12.11
N HIS A 174 12.79 3.90 -11.94
CA HIS A 174 12.06 5.07 -11.46
C HIS A 174 11.73 4.99 -9.95
N PHE A 175 12.22 3.95 -9.29
CA PHE A 175 11.90 3.67 -7.90
C PHE A 175 13.23 3.72 -7.17
N LYS A 176 13.54 4.88 -6.61
CA LYS A 176 14.88 5.14 -6.14
C LYS A 176 14.89 5.62 -4.72
N PRO A 177 15.88 5.24 -3.91
CA PRO A 177 15.87 5.68 -2.52
C PRO A 177 15.88 7.16 -2.32
N ASP A 178 16.50 7.93 -3.20
CA ASP A 178 16.63 9.34 -2.93
C ASP A 178 15.33 10.09 -3.15
N ASP A 179 14.39 9.54 -3.93
CA ASP A 179 13.23 10.33 -4.26
C ASP A 179 11.89 9.62 -4.27
N THR A 180 11.84 8.34 -3.93
CA THR A 180 10.55 7.69 -3.96
C THR A 180 9.51 8.32 -3.04
N LEU A 181 8.30 8.41 -3.56
CA LEU A 181 7.14 8.86 -2.83
C LEU A 181 6.38 7.75 -2.11
N ALA A 182 7.01 6.58 -2.00
CA ALA A 182 6.38 5.43 -1.31
C ALA A 182 6.12 5.73 0.16
N SER A 183 5.03 5.17 0.67
CA SER A 183 4.68 5.32 2.07
C SER A 183 4.42 3.98 2.74
N VAL A 184 4.68 3.91 4.04
CA VAL A 184 4.25 2.82 4.90
C VAL A 184 3.09 3.37 5.75
N VAL A 185 2.04 2.58 5.94
CA VAL A 185 0.98 2.94 6.84
C VAL A 185 0.81 1.80 7.81
N LEU A 186 0.85 2.10 9.09
CA LEU A 186 0.64 1.13 10.16
C LEU A 186 -0.74 1.30 10.70
N ILE A 187 -1.68 0.51 10.19
CA ILE A 187 -3.10 0.65 10.54
C ILE A 187 -3.49 -0.32 11.63
N ARG A 188 -4.14 0.20 12.66
CA ARG A 188 -4.74 -0.58 13.72
C ARG A 188 -6.24 -0.65 13.51
N TYR A 189 -6.76 -1.86 13.35
CA TYR A 189 -8.19 -2.09 13.39
C TYR A 189 -8.49 -2.75 14.74
N PRO A 190 -9.20 -2.07 15.63
CA PRO A 190 -9.38 -2.54 17.00
C PRO A 190 -10.50 -3.51 17.20
N TYR A 191 -10.37 -4.32 18.26
CA TYR A 191 -11.51 -4.99 18.84
C TYR A 191 -12.23 -3.96 19.73
N LEU A 192 -13.54 -3.83 19.58
CA LEU A 192 -14.32 -2.90 20.41
C LEU A 192 -15.61 -3.57 20.88
N ASP A 193 -15.95 -3.40 22.15
CA ASP A 193 -17.18 -3.95 22.70
C ASP A 193 -17.82 -2.92 23.61
N PRO A 194 -18.91 -2.30 23.17
CA PRO A 194 -19.56 -2.51 21.87
C PRO A 194 -18.87 -1.80 20.70
N TYR A 195 -19.11 -2.31 19.50
CA TYR A 195 -18.52 -1.72 18.31
C TYR A 195 -19.48 -0.66 17.79
N PRO A 196 -19.04 0.56 17.58
CA PRO A 196 -19.97 1.58 17.12
C PRO A 196 -20.43 1.41 15.67
N GLU A 197 -21.75 1.41 15.54
CA GLU A 197 -22.44 1.25 14.27
C GLU A 197 -22.00 2.30 13.28
N ALA A 198 -21.69 3.48 13.76
CA ALA A 198 -21.25 4.52 12.88
C ALA A 198 -19.92 4.18 12.18
N ALA A 199 -19.17 3.23 12.74
CA ALA A 199 -17.91 2.80 12.13
C ALA A 199 -18.11 1.57 11.23
N ILE A 200 -19.37 1.15 11.09
CA ILE A 200 -19.71 0.04 10.24
C ILE A 200 -20.53 0.54 9.06
N LYS A 201 -20.07 0.25 7.86
CA LYS A 201 -20.77 0.62 6.67
C LYS A 201 -21.44 -0.64 6.13
N THR A 202 -22.42 -0.49 5.26
CA THR A 202 -23.08 -1.64 4.66
C THR A 202 -23.08 -1.48 3.15
N ALA A 203 -22.61 -2.50 2.43
CA ALA A 203 -22.55 -2.48 0.98
C ALA A 203 -23.91 -2.72 0.35
N ALA A 204 -24.05 -2.38 -0.91
CA ALA A 204 -25.30 -2.66 -1.61
C ALA A 204 -25.70 -4.15 -1.55
N ASP A 205 -24.73 -5.06 -1.46
CA ASP A 205 -25.05 -6.49 -1.42
C ASP A 205 -25.32 -6.95 0.01
N GLY A 206 -25.27 -6.04 0.97
CA GLY A 206 -25.59 -6.30 2.36
C GLY A 206 -24.40 -6.61 3.26
N THR A 207 -23.21 -6.69 2.67
CA THR A 207 -22.03 -7.00 3.46
C THR A 207 -21.66 -5.84 4.36
N LYS A 208 -21.35 -6.12 5.61
CA LYS A 208 -20.92 -5.13 6.53
C LYS A 208 -19.44 -4.86 6.25
N LEU A 209 -19.09 -3.58 6.15
CA LEU A 209 -17.74 -3.14 5.79
C LEU A 209 -17.13 -2.19 6.76
N SER A 210 -15.81 -2.19 6.81
CA SER A 210 -15.06 -1.12 7.46
C SER A 210 -14.61 -0.06 6.44
N PHE A 211 -14.43 -0.43 5.17
CA PHE A 211 -13.96 0.50 4.15
C PHE A 211 -14.53 0.05 2.82
N GLU A 212 -15.09 0.99 2.08
CA GLU A 212 -15.78 0.72 0.82
C GLU A 212 -14.86 0.41 -0.35
N TRP A 213 -15.48 0.01 -1.44
CA TRP A 213 -14.80 -0.35 -2.65
C TRP A 213 -13.94 0.78 -3.18
N HIS A 214 -12.82 0.40 -3.78
CA HIS A 214 -11.86 1.33 -4.34
C HIS A 214 -10.81 0.59 -5.14
N GLU A 215 -10.07 1.38 -5.96
CA GLU A 215 -8.85 0.96 -6.61
C GLU A 215 -7.74 1.67 -5.85
N ASP A 216 -6.59 1.04 -5.77
CA ASP A 216 -5.47 1.66 -5.07
C ASP A 216 -4.78 2.78 -5.87
N VAL A 217 -4.30 3.76 -5.13
CA VAL A 217 -3.42 4.83 -5.61
C VAL A 217 -1.99 4.38 -5.35
N SER A 218 -1.41 3.78 -6.36
CA SER A 218 -0.09 3.18 -6.32
C SER A 218 0.26 2.66 -7.69
N LEU A 219 1.55 2.34 -7.84
CA LEU A 219 1.97 1.48 -8.94
C LEU A 219 1.61 0.04 -8.59
N ILE A 220 2.14 -0.45 -7.47
CA ILE A 220 1.70 -1.69 -6.83
C ILE A 220 1.60 -1.41 -5.34
N THR A 221 0.87 -2.29 -4.64
CA THR A 221 0.71 -2.24 -3.20
C THR A 221 1.25 -3.53 -2.62
N VAL A 222 1.99 -3.42 -1.53
CA VAL A 222 2.72 -4.55 -0.94
C VAL A 222 2.29 -4.60 0.55
N LEU A 223 1.41 -5.52 0.86
CA LEU A 223 0.60 -5.47 2.09
C LEU A 223 0.81 -6.64 3.04
N TYR A 224 1.15 -6.35 4.29
CA TYR A 224 1.12 -7.36 5.36
C TYR A 224 -0.15 -7.17 6.14
N GLN A 225 -0.86 -8.26 6.47
CA GLN A 225 -1.98 -8.21 7.41
C GLN A 225 -1.88 -9.34 8.36
N SER A 226 -2.43 -9.12 9.55
CA SER A 226 -2.68 -10.22 10.48
C SER A 226 -3.49 -11.32 9.89
N ASN A 227 -3.59 -12.40 10.64
CA ASN A 227 -4.38 -13.52 10.21
C ASN A 227 -5.86 -13.45 10.58
N VAL A 228 -6.54 -12.44 10.10
CA VAL A 228 -7.99 -12.27 10.23
C VAL A 228 -8.48 -11.93 8.83
N GLN A 229 -9.28 -12.80 8.25
CA GLN A 229 -9.82 -12.61 6.90
C GLN A 229 -10.68 -11.34 6.86
N ASN A 230 -10.43 -10.49 5.86
CA ASN A 230 -11.19 -9.24 5.77
C ASN A 230 -11.35 -8.68 4.39
N LEU A 231 -10.38 -8.91 3.51
CA LEU A 231 -10.46 -8.32 2.17
C LEU A 231 -11.32 -9.08 1.19
N GLN A 232 -11.98 -8.36 0.30
CA GLN A 232 -12.72 -8.96 -0.79
C GLN A 232 -12.37 -8.25 -2.09
N VAL A 233 -12.33 -9.00 -3.18
CA VAL A 233 -12.05 -8.48 -4.50
C VAL A 233 -13.26 -8.68 -5.41
N GLU A 234 -13.58 -7.68 -6.20
CA GLU A 234 -14.64 -7.80 -7.19
C GLU A 234 -14.10 -8.52 -8.42
N THR A 235 -14.81 -9.58 -8.80
CA THR A 235 -14.49 -10.33 -10.01
C THR A 235 -15.76 -10.41 -10.83
N ALA A 236 -15.67 -11.08 -11.98
CA ALA A 236 -16.81 -11.28 -12.86
C ALA A 236 -17.88 -12.08 -12.15
N ALA A 237 -17.44 -12.90 -11.19
CA ALA A 237 -18.36 -13.72 -10.39
C ALA A 237 -18.81 -13.03 -9.11
N GLY A 238 -18.55 -11.73 -8.98
CA GLY A 238 -18.96 -10.99 -7.81
C GLY A 238 -17.81 -10.80 -6.82
N TYR A 239 -18.10 -10.29 -5.63
CA TYR A 239 -17.08 -10.10 -4.61
C TYR A 239 -16.73 -11.45 -4.05
N GLN A 240 -15.43 -11.72 -3.99
CA GLN A 240 -14.89 -12.96 -3.48
C GLN A 240 -13.92 -12.67 -2.33
N ASP A 241 -13.87 -13.56 -1.37
CA ASP A 241 -13.00 -13.39 -0.21
C ASP A 241 -11.55 -13.72 -0.51
N ILE A 242 -10.67 -12.84 -0.07
CA ILE A 242 -9.23 -13.09 -0.12
C ILE A 242 -8.81 -13.68 1.20
N GLU A 243 -8.26 -14.87 1.19
CA GLU A 243 -7.85 -15.53 2.42
C GLU A 243 -6.67 -14.81 3.04
N ALA A 244 -6.61 -14.81 4.35
CA ALA A 244 -5.47 -14.21 5.03
C ALA A 244 -4.26 -15.14 4.95
N ASP A 245 -3.08 -14.55 4.97
CA ASP A 245 -1.82 -15.31 5.04
C ASP A 245 -0.84 -14.35 5.74
N ASP A 246 -0.69 -14.50 7.04
CA ASP A 246 0.18 -13.63 7.83
C ASP A 246 1.68 -14.03 7.75
N THR A 247 2.01 -14.88 6.78
CA THR A 247 3.42 -15.17 6.49
C THR A 247 3.87 -14.55 5.17
N GLY A 248 2.91 -14.09 4.38
CA GLY A 248 3.17 -13.56 3.06
C GLY A 248 2.82 -12.09 2.92
N TYR A 249 3.16 -11.51 1.79
CA TYR A 249 2.73 -10.17 1.43
C TYR A 249 1.69 -10.27 0.31
N LEU A 250 0.55 -9.63 0.51
CA LEU A 250 -0.48 -9.56 -0.51
C LEU A 250 -0.11 -8.46 -1.47
N ILE A 251 -0.04 -8.76 -2.75
CA ILE A 251 0.38 -7.84 -3.79
C ILE A 251 -0.77 -7.58 -4.76
N ASN A 252 -0.96 -6.31 -5.16
CA ASN A 252 -1.88 -6.00 -6.25
C ASN A 252 -1.39 -4.74 -6.95
N CYS A 253 -1.91 -4.49 -8.13
CA CYS A 253 -1.60 -3.29 -8.89
C CYS A 253 -2.52 -2.16 -8.50
N GLY A 254 -1.99 -0.94 -8.58
CA GLY A 254 -2.78 0.24 -8.43
C GLY A 254 -3.09 0.90 -9.77
N SER A 255 -3.81 2.00 -9.72
CA SER A 255 -4.29 2.57 -10.95
C SER A 255 -3.21 3.18 -11.82
N TYR A 256 -2.01 3.45 -11.33
CA TYR A 256 -0.97 3.91 -12.21
C TYR A 256 -0.52 2.77 -13.14
N MET A 257 -0.49 1.54 -12.63
CA MET A 257 -0.17 0.38 -13.46
C MET A 257 -1.25 0.18 -14.50
N ALA A 258 -2.49 0.37 -14.12
CA ALA A 258 -3.59 0.17 -15.06
C ALA A 258 -3.48 1.22 -16.16
N HIS A 259 -3.17 2.45 -15.81
CA HIS A 259 -2.99 3.49 -16.81
C HIS A 259 -1.87 3.12 -17.77
N LEU A 260 -0.71 2.76 -17.24
CA LEU A 260 0.46 2.48 -18.08
C LEU A 260 0.27 1.32 -19.01
N THR A 261 -0.53 0.33 -18.61
CA THR A 261 -0.73 -0.88 -19.40
C THR A 261 -2.04 -0.86 -20.19
N ASN A 262 -2.72 0.28 -20.20
CA ASN A 262 -4.04 0.36 -20.85
C ASN A 262 -5.00 -0.66 -20.33
N ASN A 263 -4.98 -0.86 -19.01
CA ASN A 263 -5.89 -1.76 -18.31
C ASN A 263 -5.65 -3.25 -18.58
N TYR A 264 -4.49 -3.59 -19.19
CA TYR A 264 -4.06 -4.99 -19.33
C TYR A 264 -3.90 -5.61 -17.93
N TYR A 265 -3.16 -4.89 -17.07
CA TYR A 265 -3.13 -5.23 -15.64
C TYR A 265 -4.02 -4.21 -14.94
N LYS A 266 -5.24 -4.61 -14.66
CA LYS A 266 -6.21 -3.75 -14.01
C LYS A 266 -5.83 -3.49 -12.58
N ALA A 267 -6.28 -2.36 -12.03
CA ALA A 267 -6.18 -2.14 -10.62
C ALA A 267 -7.44 -2.79 -10.04
N PRO A 268 -7.34 -3.91 -9.32
CA PRO A 268 -8.55 -4.58 -8.90
C PRO A 268 -9.33 -3.78 -7.89
N ILE A 269 -10.66 -3.80 -8.01
CA ILE A 269 -11.54 -3.18 -7.05
C ILE A 269 -11.66 -4.11 -5.84
N HIS A 270 -11.48 -3.58 -4.65
CA HIS A 270 -11.53 -4.35 -3.44
C HIS A 270 -12.09 -3.55 -2.32
N ARG A 271 -12.43 -4.18 -1.22
CA ARG A 271 -13.06 -3.54 -0.05
C ARG A 271 -12.73 -4.33 1.20
N VAL A 272 -12.97 -3.74 2.34
CA VAL A 272 -12.60 -4.32 3.63
C VAL A 272 -13.83 -4.62 4.43
N LYS A 273 -14.07 -5.89 4.67
CA LYS A 273 -15.17 -6.30 5.53
C LYS A 273 -14.97 -5.90 6.96
N TRP A 274 -16.07 -5.60 7.65
CA TRP A 274 -16.06 -5.35 9.07
C TRP A 274 -15.89 -6.67 9.81
N VAL A 275 -14.91 -6.72 10.68
CA VAL A 275 -14.66 -7.86 11.56
C VAL A 275 -14.33 -7.27 12.91
N ASN A 276 -14.98 -7.72 13.96
CA ASN A 276 -14.71 -7.21 15.31
C ASN A 276 -13.55 -7.98 15.94
N ALA A 277 -12.36 -7.62 15.51
CA ALA A 277 -11.12 -8.31 15.92
C ALA A 277 -9.98 -7.31 15.90
N GLU A 278 -9.10 -7.45 16.86
CA GLU A 278 -7.89 -6.66 16.96
C GLU A 278 -6.91 -7.14 15.90
N ARG A 279 -6.55 -6.29 14.96
CA ARG A 279 -5.72 -6.73 13.85
C ARG A 279 -4.94 -5.58 13.26
N GLN A 280 -4.04 -5.94 12.35
CA GLN A 280 -3.12 -5.00 11.70
C GLN A 280 -3.24 -5.07 10.22
N SER A 281 -3.15 -3.92 9.58
CA SER A 281 -3.08 -3.85 8.12
C SER A 281 -1.94 -2.89 7.85
N LEU A 282 -0.85 -3.36 7.26
CA LEU A 282 0.39 -2.59 7.15
C LEU A 282 0.82 -2.49 5.71
N PRO A 283 0.20 -1.66 4.89
CA PRO A 283 0.60 -1.53 3.51
C PRO A 283 1.83 -0.66 3.26
N PHE A 284 2.53 -1.01 2.19
CA PHE A 284 3.58 -0.20 1.58
C PHE A 284 3.05 0.11 0.18
N PHE A 285 2.86 1.41 -0.08
CA PHE A 285 2.41 1.85 -1.39
C PHE A 285 3.63 2.19 -2.21
N VAL A 286 3.82 1.43 -3.31
CA VAL A 286 4.98 1.61 -4.17
C VAL A 286 4.68 2.73 -5.13
N ASN A 287 5.22 3.90 -4.80
CA ASN A 287 5.06 5.12 -5.56
C ASN A 287 6.41 5.45 -6.15
N LEU A 288 6.41 6.05 -7.34
CA LEU A 288 7.65 6.45 -8.01
C LEU A 288 8.09 7.85 -7.53
N GLY A 289 8.98 8.50 -8.27
CA GLY A 289 9.35 9.87 -7.96
C GLY A 289 8.38 10.88 -8.48
N TYR A 290 8.48 12.11 -7.98
CA TYR A 290 7.52 13.14 -8.36
C TYR A 290 7.47 13.40 -9.87
N ASP A 291 8.64 13.40 -10.50
CA ASP A 291 8.73 13.68 -11.94
C ASP A 291 8.77 12.45 -12.81
N SER A 292 8.64 11.24 -12.23
CA SER A 292 8.70 10.04 -13.01
C SER A 292 7.55 9.96 -14.00
N VAL A 293 7.87 9.66 -15.25
CA VAL A 293 6.86 9.45 -16.26
C VAL A 293 7.24 8.19 -17.02
N ILE A 294 6.31 7.28 -17.10
CA ILE A 294 6.50 6.12 -17.95
C ILE A 294 5.50 6.26 -19.11
N ASP A 295 5.96 6.11 -20.34
CA ASP A 295 5.07 6.28 -21.47
C ASP A 295 4.10 5.11 -21.53
N PRO A 296 2.81 5.40 -21.56
CA PRO A 296 1.83 4.31 -21.59
C PRO A 296 1.99 3.44 -22.82
N PHE A 297 1.71 2.16 -22.66
CA PHE A 297 1.80 1.17 -23.74
C PHE A 297 0.63 0.22 -23.62
N ASP A 298 0.53 -0.73 -24.54
CA ASP A 298 -0.56 -1.69 -24.53
C ASP A 298 -0.03 -3.03 -25.00
N PRO A 299 0.27 -3.93 -24.08
CA PRO A 299 0.83 -5.24 -24.44
C PRO A 299 -0.11 -6.19 -25.17
N ARG A 300 -1.34 -5.76 -25.44
CA ARG A 300 -2.22 -6.62 -26.21
C ARG A 300 -2.19 -6.20 -27.68
N GLU A 301 -1.55 -5.08 -27.98
CA GLU A 301 -1.43 -4.57 -29.35
C GLU A 301 -0.09 -4.90 -30.01
N PRO A 302 -0.18 -5.42 -31.24
CA PRO A 302 1.04 -5.79 -31.96
C PRO A 302 2.12 -4.70 -31.93
N ASN A 303 1.76 -3.44 -32.13
CA ASN A 303 2.75 -2.36 -32.11
C ASN A 303 3.00 -1.79 -30.71
N GLY A 304 2.31 -2.33 -29.71
CA GLY A 304 2.47 -1.89 -28.33
C GLY A 304 1.98 -0.49 -28.00
N LYS A 305 1.28 0.19 -28.91
CA LYS A 305 0.92 1.60 -28.69
C LYS A 305 -0.39 1.78 -27.98
N SER A 306 -0.48 2.83 -27.18
CA SER A 306 -1.72 3.07 -26.47
C SER A 306 -2.23 4.48 -26.75
N ASP A 307 -3.55 4.68 -26.61
CA ASP A 307 -4.16 6.00 -26.81
C ASP A 307 -4.38 6.73 -25.48
N ARG A 308 -3.38 6.65 -24.60
CA ARG A 308 -3.41 7.35 -23.33
C ARG A 308 -2.29 8.35 -23.24
N GLU A 309 -2.55 9.45 -22.57
CA GLU A 309 -1.53 10.45 -22.43
C GLU A 309 -0.65 10.22 -21.21
N PRO A 310 0.64 10.51 -21.35
CA PRO A 310 1.56 10.35 -20.21
C PRO A 310 1.14 11.21 -19.05
N LEU A 311 1.39 10.66 -17.87
CA LEU A 311 0.99 11.25 -16.62
C LEU A 311 2.15 11.14 -15.66
N SER A 312 2.61 12.25 -15.11
CA SER A 312 3.72 12.20 -14.19
C SER A 312 3.21 11.60 -12.88
N TYR A 313 4.09 10.91 -12.16
CA TYR A 313 3.67 10.22 -10.95
C TYR A 313 3.21 11.20 -9.88
N GLY A 314 3.89 12.34 -9.77
CA GLY A 314 3.51 13.31 -8.75
C GLY A 314 2.11 13.86 -8.96
N ASP A 315 1.77 14.12 -10.20
CA ASP A 315 0.43 14.60 -10.55
C ASP A 315 -0.59 13.51 -10.20
N TYR A 316 -0.31 12.29 -10.64
CA TYR A 316 -1.16 11.14 -10.37
C TYR A 316 -1.42 11.00 -8.89
N LEU A 317 -0.35 11.04 -8.09
CA LEU A 317 -0.44 10.80 -6.66
C LEU A 317 -1.21 11.89 -5.94
N GLN A 318 -0.86 13.15 -6.20
CA GLN A 318 -1.55 14.24 -5.48
C GLN A 318 -3.05 14.15 -5.72
N ASN A 319 -3.43 13.95 -6.96
CA ASN A 319 -4.85 13.90 -7.28
C ASN A 319 -5.50 12.63 -6.75
N GLY A 320 -4.78 11.52 -6.78
CA GLY A 320 -5.38 10.28 -6.29
C GLY A 320 -5.64 10.26 -4.79
N LEU A 321 -4.74 10.81 -4.01
CA LEU A 321 -4.91 10.79 -2.56
C LEU A 321 -6.10 11.62 -2.15
N VAL A 322 -6.30 12.75 -2.83
CA VAL A 322 -7.48 13.59 -2.58
C VAL A 322 -8.75 12.86 -2.98
N SER A 323 -8.75 12.22 -4.14
CA SER A 323 -9.91 11.50 -4.62
C SER A 323 -10.34 10.39 -3.68
N LEU A 324 -9.37 9.67 -3.11
CA LEU A 324 -9.70 8.63 -2.16
C LEU A 324 -10.47 9.13 -0.95
N ILE A 325 -10.03 10.27 -0.45
CA ILE A 325 -10.64 10.88 0.73
C ILE A 325 -12.04 11.34 0.40
N ASN A 326 -12.19 11.95 -0.77
CA ASN A 326 -13.50 12.39 -1.19
C ASN A 326 -14.47 11.21 -1.37
N LYS A 327 -14.00 10.07 -1.90
CA LYS A 327 -14.87 8.94 -2.16
C LYS A 327 -15.20 8.14 -0.89
N ASN A 328 -14.18 7.78 -0.14
CA ASN A 328 -14.36 6.85 0.97
C ASN A 328 -14.10 7.41 2.36
N GLY A 329 -13.83 8.72 2.42
CA GLY A 329 -13.70 9.40 3.70
C GLY A 329 -12.30 9.53 4.23
N GLN A 330 -12.09 10.48 5.12
CA GLN A 330 -10.80 10.66 5.75
C GLN A 330 -10.53 9.54 6.71
N THR A 331 -9.41 8.86 6.51
CA THR A 331 -9.03 7.75 7.37
C THR A 331 -8.33 8.26 8.63
#